data_5TY6
#
_entry.id   5TY6
#
_cell.length_a   64.942
_cell.length_b   79.055
_cell.length_c   107.723
_cell.angle_alpha   90.00
_cell.angle_beta   90.00
_cell.angle_gamma   90.00
#
_symmetry.space_group_name_H-M   'P 21 21 21'
#
loop_
_entity.id
_entity.type
_entity.pdbx_description
1 polymer 'VRC 315 13-1b02 Fab Heavy chain'
2 polymer 'VRC 315 13-1b02 Fab Light chain'
3 non-polymer GLYCEROL
4 water water
#
loop_
_entity_poly.entity_id
_entity_poly.type
_entity_poly.pdbx_seq_one_letter_code
_entity_poly.pdbx_strand_id
1 'polypeptide(L)'
;EVQLVESGGGLVQPGGSLRLSCIGSEFTFSNYGMNWVRQAPGKGLEWISYITGASATVYYAASVRGRFTISRDNARNSLF
LEMNGLRAEDTAVYYCARDRGCNSPTCFVIGYYYYGMDVWGQGTTVTVSSASTKGPSVFPLAPSSKSTSGGTAALGCLVK
DYFPEPVTVSWNSGALTSGVHTFPAVLQSSGLYSLSSVVTVPSSSLGTQTYICNVNHKPSNTKVDKKVEPK
;
H
2 'polypeptide(L)'
;DIQMTQSPSSLSASVGDRVTITCRASQTISRYLNWYQQKAGKAPTLLIYDASRLQSGVPSRFSGSGSGTEFTLTISSLQR
EDFATYYCQQSDSIPALTFGGGTRVDIKRTVAAPSVFIFPPSDEQLKSGTASVVCLLNNFYPREAVVQWKVDNALQSGNS
QESVTEQDSKDSTYSLSSTLTLSKADYEKHKVYACEVTHQGLSSPVTKSFNR
;
L
#
# COMPACT_ATOMS: atom_id res chain seq x y z
N GLU A 1 -25.18 -13.97 -3.35
CA GLU A 1 -24.46 -14.28 -2.15
C GLU A 1 -24.55 -13.10 -1.19
N VAL A 2 -24.34 -13.41 0.06
CA VAL A 2 -24.25 -12.40 1.11
C VAL A 2 -23.18 -11.41 0.73
N GLN A 3 -23.46 -10.13 0.84
CA GLN A 3 -22.49 -9.11 0.47
C GLN A 3 -22.70 -7.83 1.25
N LEU A 4 -21.64 -7.02 1.27
CA LEU A 4 -21.65 -5.66 1.77
C LEU A 4 -21.07 -4.75 0.70
N VAL A 5 -21.66 -3.56 0.53
CA VAL A 5 -21.19 -2.61 -0.49
C VAL A 5 -21.08 -1.23 0.15
N GLU A 6 -19.86 -0.69 0.23
CA GLU A 6 -19.62 0.64 0.79
C GLU A 6 -19.73 1.71 -0.29
N SER A 7 -20.10 2.91 0.14
CA SER A 7 -20.15 4.07 -0.75
C SER A 7 -19.90 5.32 0.09
N GLY A 8 -19.70 6.44 -0.61
CA GLY A 8 -19.60 7.73 0.04
C GLY A 8 -18.21 8.30 0.10
N GLY A 9 -17.20 7.52 -0.25
CA GLY A 9 -15.85 8.01 -0.22
C GLY A 9 -15.63 9.13 -1.21
N GLY A 10 -14.59 9.90 -0.98
CA GLY A 10 -14.21 10.94 -1.92
C GLY A 10 -13.22 11.88 -1.28
N LEU A 11 -13.07 13.04 -1.89
CA LEU A 11 -12.13 14.05 -1.42
C LEU A 11 -12.81 14.98 -0.44
N VAL A 12 -12.16 15.25 0.69
CA VAL A 12 -12.67 16.17 1.69
C VAL A 12 -11.53 17.02 2.23
N GLN A 13 -11.83 18.26 2.60
CA GLN A 13 -10.81 19.16 3.13
C GLN A 13 -10.52 18.88 4.60
N PRO A 14 -9.30 19.19 5.06
CA PRO A 14 -8.99 19.02 6.48
C PRO A 14 -9.94 19.85 7.34
N GLY A 15 -10.37 19.27 8.45
CA GLY A 15 -11.37 19.89 9.29
C GLY A 15 -12.79 19.56 8.90
N GLY A 16 -13.00 18.95 7.73
CA GLY A 16 -14.34 18.72 7.21
C GLY A 16 -14.93 17.40 7.65
N SER A 17 -16.09 17.11 7.08
CA SER A 17 -16.88 15.94 7.46
C SER A 17 -17.28 15.14 6.24
N LEU A 18 -17.60 13.87 6.46
CA LEU A 18 -17.96 12.96 5.42
C LEU A 18 -18.76 11.79 6.05
N ARG A 19 -19.82 11.34 5.40
CA ARG A 19 -20.59 10.19 5.85
C ARG A 19 -20.42 9.02 4.89
N LEU A 20 -19.92 7.89 5.40
CA LEU A 20 -19.80 6.68 4.61
C LEU A 20 -21.03 5.82 4.86
N SER A 21 -21.38 5.02 3.85
CA SER A 21 -22.49 4.10 3.91
C SER A 21 -22.01 2.70 3.57
N CYS A 22 -22.70 1.70 4.13
CA CYS A 22 -22.44 0.30 3.82
C CYS A 22 -23.76 -0.47 3.82
N ILE A 23 -24.14 -1.00 2.65
CA ILE A 23 -25.42 -1.69 2.51
C ILE A 23 -25.19 -3.19 2.41
N GLY A 24 -25.87 -3.93 3.25
CA GLY A 24 -25.80 -5.36 3.22
C GLY A 24 -26.95 -5.98 2.43
N SER A 25 -26.67 -7.16 1.88
CA SER A 25 -27.71 -7.88 1.20
C SER A 25 -27.64 -9.37 1.42
N GLU A 26 -28.81 -9.97 1.39
CA GLU A 26 -29.02 -11.39 1.56
C GLU A 26 -28.77 -11.96 2.94
N PHE A 27 -28.85 -11.14 3.97
CA PHE A 27 -28.85 -11.61 5.33
C PHE A 27 -29.70 -10.68 6.18
N THR A 28 -30.05 -11.13 7.38
CA THR A 28 -30.85 -10.34 8.30
C THR A 28 -29.91 -9.36 9.02
N PHE A 29 -29.87 -8.13 8.51
CA PHE A 29 -28.88 -7.15 8.93
C PHE A 29 -28.93 -6.92 10.44
N SER A 30 -30.13 -6.86 11.01
CA SER A 30 -30.31 -6.51 12.41
C SER A 30 -29.72 -7.55 13.37
N ASN A 31 -29.42 -8.75 12.89
CA ASN A 31 -28.88 -9.77 13.79
C ASN A 31 -27.40 -9.59 14.09
N TYR A 32 -26.67 -8.78 13.33
CA TYR A 32 -25.22 -8.79 13.35
C TYR A 32 -24.60 -7.50 13.86
N GLY A 33 -23.61 -7.64 14.73
CA GLY A 33 -22.68 -6.56 14.97
C GLY A 33 -21.89 -6.22 13.72
N MET A 34 -21.57 -4.95 13.57
CA MET A 34 -20.92 -4.45 12.37
C MET A 34 -19.74 -3.58 12.76
N ASN A 35 -18.76 -3.53 11.84
CA ASN A 35 -17.46 -2.92 12.08
C ASN A 35 -17.07 -2.02 10.91
N TRP A 36 -16.28 -0.99 11.22
CA TRP A 36 -15.48 -0.30 10.23
C TRP A 36 -14.01 -0.56 10.52
N VAL A 37 -13.26 -0.82 9.45
CA VAL A 37 -11.83 -1.12 9.46
C VAL A 37 -11.24 -0.30 8.33
N ARG A 38 -10.08 0.33 8.55
CA ARG A 38 -9.49 1.12 7.49
C ARG A 38 -8.06 0.66 7.21
N GLN A 39 -7.58 1.05 6.04
CA GLN A 39 -6.23 0.70 5.61
C GLN A 39 -5.65 1.88 4.84
N ALA A 40 -4.65 2.52 5.43
CA ALA A 40 -4.01 3.64 4.78
C ALA A 40 -3.10 3.13 3.67
N PRO A 41 -2.75 3.99 2.71
CA PRO A 41 -1.99 3.51 1.54
C PRO A 41 -0.70 2.82 1.94
N GLY A 42 -0.57 1.55 1.53
CA GLY A 42 0.60 0.76 1.82
C GLY A 42 0.77 0.28 3.25
N LYS A 43 -0.25 0.42 4.10
CA LYS A 43 -0.15 0.07 5.50
C LYS A 43 -1.06 -1.12 5.81
N GLY A 44 -1.10 -1.50 7.09
CA GLY A 44 -1.90 -2.63 7.54
C GLY A 44 -3.34 -2.26 7.85
N LEU A 45 -4.07 -3.26 8.33
CA LEU A 45 -5.47 -3.08 8.71
C LEU A 45 -5.56 -2.48 10.11
N GLU A 46 -6.47 -1.52 10.28
CA GLU A 46 -6.73 -0.86 11.55
C GLU A 46 -8.23 -0.89 11.83
N TRP A 47 -8.66 -1.64 12.85
CA TRP A 47 -10.06 -1.59 13.27
C TRP A 47 -10.37 -0.20 13.85
N ILE A 48 -11.55 0.34 13.51
CA ILE A 48 -11.85 1.66 14.09
C ILE A 48 -13.18 1.79 14.83
N SER A 49 -14.20 0.97 14.52
CA SER A 49 -15.48 1.18 15.20
C SER A 49 -16.35 -0.06 15.12
N TYR A 50 -17.23 -0.19 16.12
CA TYR A 50 -18.13 -1.33 16.27
C TYR A 50 -19.49 -0.84 16.74
N ILE A 51 -20.55 -1.50 16.28
CA ILE A 51 -21.91 -1.27 16.74
C ILE A 51 -22.66 -2.60 16.81
N THR A 52 -23.37 -2.83 17.90
CA THR A 52 -24.16 -4.05 18.00
C THR A 52 -25.41 -4.00 17.12
N GLY A 53 -26.00 -5.18 16.89
CA GLY A 53 -27.18 -5.28 16.03
C GLY A 53 -28.28 -4.30 16.37
N ALA A 54 -28.58 -4.13 17.65
CA ALA A 54 -29.67 -3.26 18.12
C ALA A 54 -29.23 -1.82 18.39
N SER A 55 -28.00 -1.46 18.05
CA SER A 55 -27.46 -0.12 18.24
C SER A 55 -27.21 0.28 19.70
N ALA A 56 -27.32 -0.65 20.65
CA ALA A 56 -27.27 -0.27 22.04
C ALA A 56 -25.86 -0.12 22.57
N THR A 57 -24.85 -0.55 21.82
CA THR A 57 -23.45 -0.44 22.22
C THR A 57 -22.65 0.02 21.01
N VAL A 58 -21.77 1.00 21.20
CA VAL A 58 -20.78 1.41 20.22
C VAL A 58 -19.41 1.48 20.87
N TYR A 59 -18.37 1.24 20.05
CA TYR A 59 -16.99 1.43 20.48
C TYR A 59 -16.20 2.07 19.35
N TYR A 60 -15.13 2.78 19.74
CA TYR A 60 -14.25 3.46 18.81
C TYR A 60 -12.80 3.22 19.21
N ALA A 61 -11.93 3.12 18.21
CA ALA A 61 -10.50 3.10 18.47
C ALA A 61 -10.03 4.47 18.94
N ALA A 62 -8.96 4.47 19.72
CA ALA A 62 -8.40 5.73 20.20
C ALA A 62 -8.04 6.67 19.04
N SER A 63 -7.64 6.12 17.88
CA SER A 63 -7.28 6.97 16.75
C SER A 63 -8.46 7.76 16.20
N VAL A 64 -9.68 7.35 16.50
CA VAL A 64 -10.82 8.17 16.16
C VAL A 64 -10.76 9.46 16.95
N ARG A 65 -10.11 9.44 18.13
CA ARG A 65 -10.04 10.61 19.01
C ARG A 65 -11.42 11.19 19.31
N GLY A 66 -12.41 10.31 19.37
CA GLY A 66 -13.80 10.66 19.67
C GLY A 66 -14.42 11.63 18.69
N ARG A 67 -13.98 11.62 17.43
CA ARG A 67 -14.44 12.50 16.37
C ARG A 67 -15.51 11.89 15.48
N PHE A 68 -15.66 10.57 15.45
CA PHE A 68 -16.54 9.91 14.51
C PHE A 68 -17.75 9.37 15.25
N THR A 69 -18.81 9.11 14.48
CA THR A 69 -20.00 8.49 15.02
C THR A 69 -20.37 7.31 14.13
N ILE A 70 -20.61 6.15 14.75
CA ILE A 70 -21.10 4.99 14.01
C ILE A 70 -22.60 4.85 14.27
N SER A 71 -23.34 4.48 13.23
CA SER A 71 -24.79 4.30 13.36
C SER A 71 -25.25 3.28 12.32
N ARG A 72 -26.52 2.90 12.42
CA ARG A 72 -27.09 1.97 11.47
C ARG A 72 -28.57 2.23 11.32
N ASP A 73 -29.11 1.83 10.19
CA ASP A 73 -30.55 1.86 9.92
C ASP A 73 -30.89 0.46 9.44
N ASN A 74 -31.32 -0.40 10.35
CA ASN A 74 -31.53 -1.80 10.00
C ASN A 74 -32.63 -1.96 8.97
N ALA A 75 -33.63 -1.06 8.97
CA ALA A 75 -34.71 -1.15 8.00
C ALA A 75 -34.21 -0.96 6.58
N ARG A 76 -33.06 -0.31 6.41
CA ARG A 76 -32.46 -0.11 5.10
C ARG A 76 -31.18 -0.91 4.92
N ASN A 77 -30.96 -1.88 5.80
CA ASN A 77 -29.78 -2.75 5.74
C ASN A 77 -28.51 -1.94 5.65
N SER A 78 -28.44 -0.84 6.40
CA SER A 78 -27.37 0.14 6.21
C SER A 78 -26.58 0.40 7.49
N LEU A 79 -25.26 0.46 7.33
CA LEU A 79 -24.33 0.91 8.35
C LEU A 79 -23.71 2.22 7.89
N PHE A 80 -23.47 3.15 8.82
CA PHE A 80 -22.91 4.46 8.47
C PHE A 80 -21.71 4.75 9.35
N LEU A 81 -20.81 5.58 8.83
CA LEU A 81 -19.73 6.17 9.62
C LEU A 81 -19.74 7.66 9.34
N GLU A 82 -20.07 8.47 10.34
CA GLU A 82 -20.04 9.91 10.21
C GLU A 82 -18.69 10.39 10.73
N MET A 83 -17.89 10.94 9.84
CA MET A 83 -16.54 11.37 10.19
C MET A 83 -16.52 12.89 10.26
N ASN A 84 -15.89 13.41 11.30
CA ASN A 84 -15.72 14.84 11.49
C ASN A 84 -14.29 15.12 11.87
N GLY A 85 -13.91 16.38 11.80
CA GLY A 85 -12.59 16.76 12.24
C GLY A 85 -11.52 16.01 11.46
N LEU A 86 -11.74 15.79 10.17
CA LEU A 86 -10.83 14.95 9.41
C LEU A 86 -9.48 15.60 9.21
N ARG A 87 -8.44 14.76 9.14
CA ARG A 87 -7.08 15.21 8.92
C ARG A 87 -6.45 14.34 7.83
N ALA A 88 -5.35 14.83 7.27
CA ALA A 88 -4.68 14.10 6.19
C ALA A 88 -4.44 12.64 6.53
N GLU A 89 -4.13 12.33 7.79
CA GLU A 89 -3.82 10.97 8.20
C GLU A 89 -5.04 10.04 8.21
N ASP A 90 -6.25 10.57 8.04
CA ASP A 90 -7.43 9.74 7.89
C ASP A 90 -7.61 9.25 6.46
N THR A 91 -6.72 9.64 5.53
CA THR A 91 -6.77 9.13 4.18
C THR A 91 -6.53 7.63 4.19
N ALA A 92 -7.46 6.88 3.62
CA ALA A 92 -7.41 5.43 3.68
C ALA A 92 -8.56 4.85 2.85
N VAL A 93 -8.46 3.55 2.60
CA VAL A 93 -9.62 2.75 2.21
C VAL A 93 -10.36 2.33 3.47
N TYR A 94 -11.69 2.51 3.46
CA TYR A 94 -12.55 2.18 4.58
C TYR A 94 -13.42 0.99 4.20
N TYR A 95 -13.33 -0.07 5.01
CA TYR A 95 -14.08 -1.31 4.84
C TYR A 95 -15.13 -1.44 5.92
N CYS A 96 -16.28 -1.97 5.53
CA CYS A 96 -17.31 -2.39 6.47
C CYS A 96 -17.30 -3.92 6.54
N ALA A 97 -17.40 -4.46 7.75
CA ALA A 97 -17.25 -5.89 7.96
C ALA A 97 -18.25 -6.38 9.01
N ARG A 98 -18.81 -7.55 8.76
CA ARG A 98 -19.80 -8.16 9.65
C ARG A 98 -19.15 -9.13 10.63
N ASP A 99 -19.61 -9.13 11.88
CA ASP A 99 -19.21 -10.17 12.83
C ASP A 99 -19.64 -11.54 12.34
N ARG A 100 -18.77 -12.54 12.52
CA ARG A 100 -19.19 -13.93 12.35
C ARG A 100 -20.18 -14.33 13.43
N GLY A 101 -19.86 -14.04 14.68
CA GLY A 101 -20.82 -14.10 15.78
C GLY A 101 -20.88 -15.41 16.54
N CYS A 102 -20.23 -16.47 16.04
CA CYS A 102 -20.28 -17.76 16.68
C CYS A 102 -19.09 -18.58 16.17
N ASN A 103 -18.81 -19.70 16.83
CA ASN A 103 -17.71 -20.57 16.45
C ASN A 103 -18.17 -21.91 15.89
N SER A 104 -19.40 -22.00 15.43
CA SER A 104 -19.92 -23.21 14.82
C SER A 104 -19.77 -23.14 13.30
N PRO A 105 -19.89 -24.28 12.62
CA PRO A 105 -19.70 -24.23 11.15
C PRO A 105 -20.68 -23.30 10.45
N THR A 106 -21.94 -23.27 10.90
CA THR A 106 -22.94 -22.31 10.44
C THR A 106 -23.49 -21.59 11.66
N CYS A 107 -23.56 -20.25 11.57
CA CYS A 107 -24.00 -19.42 12.68
C CYS A 107 -25.46 -19.06 12.51
N PHE A 108 -26.30 -19.61 13.39
CA PHE A 108 -27.71 -19.28 13.47
C PHE A 108 -27.99 -18.25 14.56
N VAL A 109 -27.40 -18.45 15.74
CA VAL A 109 -27.53 -17.52 16.85
C VAL A 109 -26.26 -16.68 16.88
N ILE A 110 -26.43 -15.37 16.75
CA ILE A 110 -25.31 -14.45 16.56
C ILE A 110 -24.97 -13.79 17.89
N GLY A 111 -23.71 -13.92 18.27
CA GLY A 111 -23.16 -13.30 19.43
C GLY A 111 -22.44 -12.01 19.07
N TYR A 112 -21.22 -11.85 19.56
CA TYR A 112 -20.47 -10.62 19.37
C TYR A 112 -19.24 -10.83 18.47
N TYR A 113 -18.16 -10.12 18.79
CA TYR A 113 -16.96 -9.98 17.97
C TYR A 113 -15.96 -11.12 18.16
N TYR A 114 -16.24 -12.06 19.05
CA TYR A 114 -15.23 -12.99 19.53
C TYR A 114 -14.68 -13.92 18.44
N TYR A 115 -15.40 -14.12 17.34
CA TYR A 115 -15.00 -15.08 16.32
C TYR A 115 -14.74 -14.42 14.97
N GLY A 116 -14.30 -13.15 15.01
CA GLY A 116 -13.83 -12.48 13.82
C GLY A 116 -14.94 -11.88 12.99
N MET A 117 -14.55 -11.48 11.78
CA MET A 117 -15.39 -10.76 10.83
C MET A 117 -15.44 -11.58 9.55
N ASP A 118 -16.61 -12.10 9.21
CA ASP A 118 -16.72 -13.11 8.15
C ASP A 118 -17.09 -12.55 6.77
N VAL A 119 -17.63 -11.34 6.68
CA VAL A 119 -18.02 -10.73 5.41
C VAL A 119 -17.46 -9.30 5.40
N TRP A 120 -16.79 -8.95 4.33
CA TRP A 120 -16.20 -7.62 4.16
C TRP A 120 -16.68 -7.02 2.85
N GLY A 121 -16.87 -5.71 2.85
CA GLY A 121 -17.12 -5.00 1.61
C GLY A 121 -15.84 -4.79 0.82
N GLN A 122 -15.99 -4.22 -0.37
CA GLN A 122 -14.88 -3.94 -1.27
C GLN A 122 -14.08 -2.70 -0.89
N GLY A 123 -14.61 -1.85 -0.03
CA GLY A 123 -13.95 -0.64 0.42
C GLY A 123 -14.36 0.58 -0.37
N THR A 124 -14.28 1.73 0.30
CA THR A 124 -14.47 3.04 -0.33
C THR A 124 -13.31 3.93 0.11
N THR A 125 -12.79 4.73 -0.81
CA THR A 125 -11.56 5.49 -0.58
C THR A 125 -11.89 6.91 -0.13
N VAL A 126 -11.25 7.35 0.95
CA VAL A 126 -11.37 8.71 1.47
C VAL A 126 -10.00 9.36 1.37
N THR A 127 -9.96 10.54 0.73
CA THR A 127 -8.74 11.33 0.65
C THR A 127 -9.00 12.67 1.33
N VAL A 128 -8.19 13.01 2.32
CA VAL A 128 -8.32 14.26 3.04
C VAL A 128 -7.15 15.15 2.64
N SER A 129 -7.47 16.28 2.01
CA SER A 129 -6.45 17.17 1.46
C SER A 129 -7.02 18.55 1.24
N SER A 130 -6.18 19.55 1.43
CA SER A 130 -6.53 20.92 1.09
C SER A 130 -6.03 21.32 -0.29
N ALA A 131 -5.40 20.42 -1.03
CA ALA A 131 -4.88 20.76 -2.34
C ALA A 131 -6.01 21.00 -3.33
N SER A 132 -5.68 21.78 -4.36
CA SER A 132 -6.55 22.08 -5.48
C SER A 132 -6.12 21.26 -6.70
N THR A 133 -7.07 21.02 -7.60
CA THR A 133 -6.76 20.28 -8.83
C THR A 133 -5.67 20.99 -9.60
N LYS A 134 -4.68 20.21 -10.05
CA LYS A 134 -3.53 20.75 -10.75
C LYS A 134 -2.92 19.68 -11.65
N GLY A 135 -2.65 20.03 -12.91
CA GLY A 135 -2.01 19.10 -13.82
C GLY A 135 -0.51 19.07 -13.62
N PRO A 136 0.12 17.97 -14.02
CA PRO A 136 1.56 17.81 -13.77
C PRO A 136 2.42 18.60 -14.75
N SER A 137 3.65 18.87 -14.30
CA SER A 137 4.76 19.20 -15.17
C SER A 137 5.51 17.91 -15.44
N VAL A 138 5.97 17.73 -16.66
CA VAL A 138 6.66 16.51 -17.07
C VAL A 138 8.08 16.85 -17.47
N PHE A 139 9.04 16.24 -16.80
CA PHE A 139 10.45 16.51 -17.01
C PHE A 139 11.17 15.25 -17.45
N PRO A 140 12.21 15.39 -18.26
CA PRO A 140 12.92 14.20 -18.74
C PRO A 140 13.86 13.65 -17.70
N LEU A 141 13.99 12.33 -17.68
CA LEU A 141 15.08 11.62 -17.02
C LEU A 141 15.97 11.13 -18.17
N ALA A 142 16.98 11.92 -18.50
CA ALA A 142 17.67 11.70 -19.76
C ALA A 142 18.67 10.56 -19.63
N PRO A 143 18.84 9.75 -20.68
CA PRO A 143 19.76 8.62 -20.59
C PRO A 143 21.20 9.10 -20.55
N GLY A 151 25.48 -2.76 -21.72
CA GLY A 151 24.96 -2.16 -22.94
C GLY A 151 23.49 -1.77 -22.82
N THR A 152 23.02 -1.55 -21.60
CA THR A 152 21.65 -1.17 -21.33
C THR A 152 21.62 0.24 -20.75
N ALA A 153 20.74 1.07 -21.28
CA ALA A 153 20.53 2.42 -20.80
C ALA A 153 19.15 2.56 -20.17
N ALA A 154 19.05 3.47 -19.22
CA ALA A 154 17.78 3.80 -18.59
C ALA A 154 17.41 5.24 -18.90
N LEU A 155 16.13 5.47 -19.15
CA LEU A 155 15.59 6.80 -19.37
C LEU A 155 14.18 6.83 -18.80
N GLY A 156 13.61 8.02 -18.70
CA GLY A 156 12.30 8.12 -18.10
C GLY A 156 11.72 9.51 -18.14
N CYS A 157 10.61 9.64 -17.42
CA CYS A 157 9.90 10.89 -17.25
C CYS A 157 9.54 11.07 -15.79
N LEU A 158 9.73 12.27 -15.29
CA LEU A 158 9.32 12.65 -13.94
C LEU A 158 8.04 13.48 -14.07
N VAL A 159 6.96 13.00 -13.46
CA VAL A 159 5.64 13.61 -13.56
C VAL A 159 5.39 14.26 -12.21
N LYS A 160 5.59 15.57 -12.15
CA LYS A 160 5.70 16.26 -10.89
C LYS A 160 4.55 17.22 -10.59
N ASP A 161 4.19 17.29 -9.32
CA ASP A 161 3.26 18.29 -8.80
C ASP A 161 1.85 18.27 -9.37
N TYR A 162 1.16 17.16 -9.22
CA TYR A 162 -0.21 17.06 -9.65
C TYR A 162 -1.16 16.67 -8.53
N PHE A 163 -2.43 16.97 -8.71
CA PHE A 163 -3.46 16.57 -7.76
C PHE A 163 -4.82 16.57 -8.45
N PRO A 164 -5.70 15.61 -8.14
CA PRO A 164 -5.53 14.42 -7.30
C PRO A 164 -4.94 13.29 -8.13
N GLU A 165 -4.75 12.12 -7.53
CA GLU A 165 -4.48 10.93 -8.30
C GLU A 165 -5.70 10.62 -9.16
N PRO A 166 -5.53 9.85 -10.24
CA PRO A 166 -4.30 9.25 -10.76
C PRO A 166 -3.78 9.94 -12.01
N VAL A 167 -2.57 9.56 -12.41
CA VAL A 167 -2.04 9.84 -13.73
C VAL A 167 -1.75 8.51 -14.38
N THR A 168 -1.84 8.48 -15.70
CA THR A 168 -1.38 7.34 -16.47
C THR A 168 -0.19 7.75 -17.34
N VAL A 169 0.71 6.79 -17.56
CA VAL A 169 1.88 6.99 -18.39
C VAL A 169 1.99 5.82 -19.34
N SER A 170 2.17 6.12 -20.62
CA SER A 170 2.54 5.11 -21.60
C SER A 170 3.81 5.59 -22.30
N TRP A 171 4.43 4.70 -23.05
CA TRP A 171 5.62 5.02 -23.83
C TRP A 171 5.34 4.69 -25.28
N ASN A 172 5.68 5.63 -26.16
CA ASN A 172 5.49 5.47 -27.61
C ASN A 172 4.07 5.03 -27.93
N SER A 173 3.11 5.69 -27.28
CA SER A 173 1.68 5.47 -27.50
C SER A 173 1.26 4.03 -27.25
N GLY A 174 1.96 3.34 -26.34
CA GLY A 174 1.66 1.96 -26.02
C GLY A 174 2.49 0.93 -26.75
N ALA A 175 3.32 1.34 -27.71
CA ALA A 175 4.12 0.40 -28.47
C ALA A 175 5.33 -0.11 -27.69
N LEU A 176 5.75 0.60 -26.65
CA LEU A 176 6.89 0.23 -25.83
C LEU A 176 6.38 -0.16 -24.45
N THR A 177 6.47 -1.45 -24.14
CA THR A 177 6.02 -1.96 -22.85
C THR A 177 7.12 -2.74 -22.15
N SER A 178 7.99 -3.39 -22.92
CA SER A 178 9.06 -4.18 -22.31
C SER A 178 10.02 -3.28 -21.55
N GLY A 179 10.29 -3.64 -20.29
CA GLY A 179 11.26 -2.91 -19.49
C GLY A 179 10.73 -1.63 -18.86
N VAL A 180 9.46 -1.32 -19.02
CA VAL A 180 8.88 -0.12 -18.42
C VAL A 180 8.54 -0.38 -16.97
N HIS A 181 8.87 0.58 -16.11
CA HIS A 181 8.40 0.58 -14.72
C HIS A 181 7.82 1.95 -14.41
N THR A 182 6.52 1.99 -14.14
CA THR A 182 5.89 3.22 -13.66
C THR A 182 5.64 3.05 -12.17
N PHE A 183 6.19 3.95 -11.38
CA PHE A 183 6.25 3.78 -9.93
C PHE A 183 5.02 4.34 -9.25
N PRO A 184 4.68 3.86 -8.07
CA PRO A 184 3.64 4.53 -7.27
C PRO A 184 4.03 5.97 -7.00
N ALA A 185 3.03 6.84 -7.01
CA ALA A 185 3.29 8.23 -6.67
C ALA A 185 3.64 8.37 -5.18
N VAL A 186 4.38 9.44 -4.89
CA VAL A 186 4.62 9.87 -3.53
C VAL A 186 3.85 11.15 -3.31
N LEU A 187 3.35 11.32 -2.09
CA LEU A 187 2.68 12.55 -1.68
C LEU A 187 3.71 13.46 -1.04
N GLN A 188 3.93 14.63 -1.65
CA GLN A 188 4.93 15.57 -1.17
C GLN A 188 4.35 16.41 -0.04
N SER A 189 5.23 17.10 0.69
CA SER A 189 4.77 17.94 1.79
C SER A 189 3.92 19.11 1.30
N SER A 190 4.00 19.46 0.03
CA SER A 190 3.15 20.48 -0.57
C SER A 190 1.71 20.01 -0.73
N GLY A 191 1.45 18.71 -0.56
CA GLY A 191 0.14 18.16 -0.84
C GLY A 191 -0.06 17.70 -2.27
N LEU A 192 0.94 17.87 -3.13
CA LEU A 192 0.89 17.42 -4.50
C LEU A 192 1.64 16.11 -4.64
N TYR A 193 1.22 15.32 -5.60
CA TYR A 193 1.85 14.04 -5.91
C TYR A 193 2.97 14.22 -6.96
N SER A 194 3.87 13.26 -6.95
CA SER A 194 4.92 13.13 -7.96
C SER A 194 5.17 11.65 -8.24
N LEU A 195 5.39 11.32 -9.49
CA LEU A 195 5.74 9.98 -9.86
C LEU A 195 6.77 9.93 -10.98
N SER A 196 7.45 8.80 -11.06
CA SER A 196 8.37 8.57 -12.13
C SER A 196 8.00 7.34 -12.97
N SER A 197 8.33 7.39 -14.25
CA SER A 197 8.19 6.25 -15.13
C SER A 197 9.49 6.09 -15.88
N VAL A 198 10.03 4.87 -15.89
CA VAL A 198 11.32 4.60 -16.49
C VAL A 198 11.22 3.43 -17.46
N VAL A 199 12.20 3.36 -18.34
CA VAL A 199 12.35 2.21 -19.24
C VAL A 199 13.82 1.96 -19.46
N THR A 200 14.20 0.69 -19.51
CA THR A 200 15.55 0.31 -19.90
C THR A 200 15.52 -0.16 -21.35
N VAL A 201 16.51 0.26 -22.11
CA VAL A 201 16.56 0.00 -23.55
C VAL A 201 18.02 -0.27 -23.93
N PRO A 202 18.27 -0.82 -25.11
CA PRO A 202 19.66 -0.96 -25.57
C PRO A 202 20.30 0.40 -25.74
N SER A 203 21.52 0.55 -25.22
CA SER A 203 22.27 1.79 -25.44
C SER A 203 22.43 2.08 -26.93
N SER A 204 22.59 1.04 -27.75
CA SER A 204 22.78 1.23 -29.18
C SER A 204 21.56 1.87 -29.84
N SER A 205 20.40 1.87 -29.19
CA SER A 205 19.21 2.46 -29.77
C SER A 205 19.09 3.96 -29.53
N LEU A 206 19.92 4.51 -28.68
CA LEU A 206 19.77 5.91 -28.27
C LEU A 206 19.85 6.95 -29.39
N GLY A 207 20.75 6.78 -30.35
CA GLY A 207 20.83 7.72 -31.46
C GLY A 207 19.73 7.58 -32.48
N THR A 208 18.98 6.51 -32.43
CA THR A 208 18.17 6.09 -33.53
C THR A 208 16.68 5.96 -33.27
N GLN A 209 16.33 5.50 -32.10
CA GLN A 209 14.95 5.24 -31.72
C GLN A 209 14.41 6.40 -30.91
N THR A 210 13.20 6.84 -31.23
CA THR A 210 12.54 7.91 -30.49
C THR A 210 11.81 7.31 -29.30
N TYR A 211 11.94 7.96 -28.15
CA TYR A 211 11.26 7.59 -26.91
C TYR A 211 10.44 8.77 -26.42
N ILE A 212 9.13 8.57 -26.33
CA ILE A 212 8.18 9.61 -25.92
C ILE A 212 7.32 9.04 -24.80
N CYS A 213 7.25 9.75 -23.69
CA CYS A 213 6.31 9.36 -22.64
C CYS A 213 5.02 10.16 -22.81
N ASN A 214 3.91 9.45 -22.77
CA ASN A 214 2.57 10.03 -22.93
C ASN A 214 1.91 10.04 -21.55
N VAL A 215 1.67 11.24 -21.03
CA VAL A 215 1.13 11.45 -19.69
C VAL A 215 -0.29 11.97 -19.83
N ASN A 216 -1.22 11.37 -19.08
CA ASN A 216 -2.60 11.83 -19.04
C ASN A 216 -3.04 11.98 -17.60
N HIS A 217 -3.43 13.20 -17.23
CA HIS A 217 -4.03 13.49 -15.92
C HIS A 217 -5.47 13.92 -16.19
N LYS A 218 -6.37 12.95 -16.19
CA LYS A 218 -7.76 13.24 -16.52
C LYS A 218 -8.42 14.25 -15.57
N PRO A 219 -8.16 14.26 -14.25
CA PRO A 219 -8.86 15.22 -13.40
C PRO A 219 -8.68 16.67 -13.81
N SER A 220 -7.54 17.03 -14.40
CA SER A 220 -7.26 18.39 -14.85
C SER A 220 -7.31 18.51 -16.37
N ASN A 221 -7.70 17.44 -17.06
CA ASN A 221 -7.69 17.39 -18.53
C ASN A 221 -6.34 17.85 -19.10
N THR A 222 -5.26 17.33 -18.52
CA THR A 222 -3.90 17.66 -18.95
C THR A 222 -3.30 16.43 -19.62
N LYS A 223 -2.92 16.55 -20.89
CA LYS A 223 -2.15 15.54 -21.59
C LYS A 223 -0.84 16.15 -22.06
N VAL A 224 0.25 15.40 -21.89
CA VAL A 224 1.60 15.83 -22.30
C VAL A 224 2.30 14.66 -22.98
N ASP A 225 2.93 14.94 -24.13
CA ASP A 225 3.85 14.00 -24.80
C ASP A 225 5.26 14.59 -24.68
N LYS A 226 6.15 13.89 -23.99
CA LYS A 226 7.52 14.36 -23.77
C LYS A 226 8.50 13.43 -24.47
N LYS A 227 9.23 13.98 -25.44
CA LYS A 227 10.32 13.24 -26.08
C LYS A 227 11.55 13.33 -25.21
N VAL A 228 12.15 12.17 -24.92
CA VAL A 228 13.30 12.08 -24.01
C VAL A 228 14.50 11.64 -24.83
N GLU A 229 15.53 12.47 -24.87
CA GLU A 229 16.74 12.26 -25.65
C GLU A 229 17.97 12.39 -24.76
N PRO A 230 19.11 11.85 -25.20
CA PRO A 230 20.36 12.13 -24.48
C PRO A 230 20.61 13.63 -24.39
N LYS A 231 21.11 14.06 -23.24
CA LYS A 231 21.24 15.50 -22.95
C LYS A 231 22.30 16.13 -23.84
N ASP B 1 -4.38 -1.08 24.69
CA ASP B 1 -4.79 -2.08 23.68
C ASP B 1 -3.89 -3.30 23.80
N ILE B 2 -4.42 -4.46 23.42
CA ILE B 2 -3.58 -5.65 23.30
C ILE B 2 -2.74 -5.51 22.03
N GLN B 3 -1.43 -5.66 22.17
CA GLN B 3 -0.52 -5.56 21.04
C GLN B 3 -0.26 -6.93 20.46
N MET B 4 -0.36 -7.03 19.14
CA MET B 4 -0.13 -8.27 18.42
C MET B 4 1.16 -8.16 17.63
N THR B 5 2.10 -9.05 17.92
CA THR B 5 3.40 -9.07 17.24
C THR B 5 3.39 -10.23 16.25
N GLN B 6 3.34 -9.91 14.95
CA GLN B 6 3.24 -10.89 13.90
C GLN B 6 4.58 -11.00 13.16
N SER B 7 5.04 -12.23 12.95
CA SER B 7 6.37 -12.47 12.36
C SER B 7 6.27 -13.58 11.34
N PRO B 8 7.03 -13.49 10.23
CA PRO B 8 7.86 -12.37 9.79
C PRO B 8 7.03 -11.34 9.06
N SER B 9 7.59 -10.17 8.76
CA SER B 9 6.84 -9.21 7.98
C SER B 9 6.85 -9.55 6.50
N SER B 10 7.89 -10.23 6.02
CA SER B 10 8.04 -10.60 4.61
C SER B 10 8.65 -11.98 4.51
N LEU B 11 8.02 -12.85 3.74
CA LEU B 11 8.49 -14.20 3.51
C LEU B 11 8.37 -14.52 2.03
N SER B 12 9.42 -15.08 1.45
CA SER B 12 9.36 -15.57 0.08
C SER B 12 9.17 -17.08 0.09
N ALA B 13 8.38 -17.56 -0.87
CA ALA B 13 8.09 -18.98 -0.96
C ALA B 13 8.00 -19.40 -2.42
N SER B 14 8.22 -20.69 -2.64
CA SER B 14 7.95 -21.33 -3.91
C SER B 14 6.71 -22.21 -3.77
N VAL B 15 6.01 -22.40 -4.88
CA VAL B 15 4.93 -23.38 -4.91
C VAL B 15 5.44 -24.69 -4.32
N GLY B 16 4.68 -25.25 -3.38
CA GLY B 16 5.02 -26.49 -2.72
C GLY B 16 5.65 -26.33 -1.36
N ASP B 17 6.10 -25.14 -1.01
CA ASP B 17 6.74 -24.90 0.28
C ASP B 17 5.72 -24.92 1.42
N ARG B 18 6.18 -25.30 2.59
CA ARG B 18 5.47 -25.02 3.83
C ARG B 18 5.87 -23.65 4.34
N VAL B 19 4.87 -22.90 4.80
CA VAL B 19 5.04 -21.56 5.33
C VAL B 19 4.49 -21.53 6.76
N THR B 20 5.22 -20.90 7.67
CA THR B 20 4.78 -20.69 9.05
C THR B 20 4.83 -19.21 9.37
N ILE B 21 3.75 -18.69 9.95
CA ILE B 21 3.63 -17.31 10.41
C ILE B 21 3.23 -17.36 11.88
N THR B 22 3.86 -16.54 12.72
CA THR B 22 3.52 -16.53 14.14
C THR B 22 2.91 -15.19 14.57
N CYS B 23 2.10 -15.26 15.62
CA CYS B 23 1.46 -14.10 16.19
C CYS B 23 1.56 -14.27 17.70
N ARG B 24 2.03 -13.26 18.39
CA ARG B 24 2.15 -13.28 19.83
C ARG B 24 1.39 -12.10 20.44
N ALA B 25 0.51 -12.37 21.39
CA ALA B 25 -0.28 -11.34 22.03
C ALA B 25 0.40 -10.87 23.31
N SER B 26 0.24 -9.58 23.61
CA SER B 26 0.86 -8.98 24.79
C SER B 26 0.23 -9.41 26.11
N GLN B 27 -0.96 -10.02 26.07
CA GLN B 27 -1.57 -10.66 27.22
C GLN B 27 -2.45 -11.79 26.69
N THR B 28 -2.87 -12.68 27.58
CA THR B 28 -3.58 -13.87 27.12
C THR B 28 -4.92 -13.49 26.49
N ILE B 29 -5.23 -14.17 25.39
CA ILE B 29 -6.47 -13.93 24.65
C ILE B 29 -7.21 -15.23 24.42
N SER B 30 -6.89 -16.27 25.19
CA SER B 30 -7.56 -17.57 25.07
C SER B 30 -7.43 -18.06 23.63
N ARG B 31 -8.52 -18.42 22.96
CA ARG B 31 -8.50 -18.80 21.55
C ARG B 31 -9.15 -17.75 20.67
N TYR B 32 -9.33 -16.53 21.16
CA TYR B 32 -10.00 -15.47 20.40
C TYR B 32 -9.01 -14.80 19.46
N LEU B 33 -8.65 -15.54 18.42
CA LEU B 33 -7.59 -15.16 17.49
C LEU B 33 -8.01 -15.63 16.10
N ASN B 34 -7.97 -14.71 15.14
CA ASN B 34 -8.42 -14.93 13.79
C ASN B 34 -7.29 -14.64 12.82
N TRP B 35 -7.34 -15.28 11.64
CA TRP B 35 -6.40 -15.02 10.55
C TRP B 35 -7.18 -14.66 9.29
N TYR B 36 -6.65 -13.66 8.55
CA TYR B 36 -7.23 -13.18 7.30
C TYR B 36 -6.18 -13.22 6.20
N GLN B 37 -6.66 -13.36 4.96
CA GLN B 37 -5.85 -13.24 3.76
C GLN B 37 -6.29 -11.98 3.03
N GLN B 38 -5.33 -11.22 2.50
CA GLN B 38 -5.64 -10.07 1.66
C GLN B 38 -4.78 -10.14 0.40
N LYS B 39 -5.44 -10.39 -0.72
CA LYS B 39 -4.79 -10.38 -2.01
C LYS B 39 -4.66 -8.95 -2.51
N ALA B 40 -3.68 -8.72 -3.37
CA ALA B 40 -3.43 -7.37 -3.87
C ALA B 40 -4.69 -6.81 -4.50
N GLY B 41 -5.07 -5.61 -4.09
CA GLY B 41 -6.23 -4.92 -4.64
C GLY B 41 -7.58 -5.39 -4.13
N LYS B 42 -7.62 -6.26 -3.12
CA LYS B 42 -8.88 -6.85 -2.68
C LYS B 42 -9.08 -6.65 -1.18
N ALA B 43 -10.32 -6.83 -0.72
CA ALA B 43 -10.61 -6.80 0.69
C ALA B 43 -10.13 -8.09 1.36
N PRO B 44 -9.86 -8.04 2.66
CA PRO B 44 -9.48 -9.26 3.39
C PRO B 44 -10.62 -10.27 3.36
N THR B 45 -10.25 -11.53 3.53
CA THR B 45 -11.21 -12.62 3.75
C THR B 45 -10.78 -13.42 4.99
N LEU B 46 -11.76 -13.91 5.72
CA LEU B 46 -11.52 -14.69 6.94
C LEU B 46 -11.09 -16.11 6.58
N LEU B 47 -9.94 -16.53 7.13
CA LEU B 47 -9.41 -17.88 6.96
C LEU B 47 -9.73 -18.77 8.14
N ILE B 48 -9.42 -18.29 9.35
CA ILE B 48 -9.45 -19.09 10.58
C ILE B 48 -10.04 -18.23 11.68
N TYR B 49 -10.90 -18.83 12.50
CA TYR B 49 -11.45 -18.22 13.71
C TYR B 49 -11.26 -19.20 14.87
N ASP B 50 -11.36 -18.72 16.09
CA ASP B 50 -11.21 -19.58 17.27
C ASP B 50 -9.86 -20.30 17.24
N ALA B 51 -8.87 -19.59 16.73
CA ALA B 51 -7.46 -20.02 16.65
C ALA B 51 -7.17 -21.08 15.61
N SER B 52 -8.05 -22.06 15.49
CA SER B 52 -7.80 -23.22 14.66
C SER B 52 -8.93 -23.71 13.75
N ARG B 53 -10.06 -23.02 13.74
CA ARG B 53 -11.20 -23.50 12.97
C ARG B 53 -11.23 -22.84 11.61
N LEU B 54 -11.34 -23.63 10.56
CA LEU B 54 -11.32 -23.13 9.21
C LEU B 54 -12.67 -22.63 8.72
N GLN B 55 -12.69 -21.43 8.18
CA GLN B 55 -13.89 -20.89 7.57
C GLN B 55 -14.30 -21.73 6.36
N SER B 56 -15.61 -21.86 6.13
CA SER B 56 -16.08 -22.61 4.97
C SER B 56 -15.44 -22.11 3.69
N GLY B 57 -15.07 -23.06 2.81
CA GLY B 57 -14.43 -22.76 1.56
C GLY B 57 -12.93 -22.67 1.60
N VAL B 58 -12.34 -22.55 2.79
CA VAL B 58 -10.88 -22.39 2.90
C VAL B 58 -10.23 -23.77 2.70
N PRO B 59 -9.23 -23.88 1.82
CA PRO B 59 -8.64 -25.21 1.57
C PRO B 59 -7.91 -25.74 2.80
N SER B 60 -7.80 -27.08 2.83
CA SER B 60 -7.29 -27.79 4.00
C SER B 60 -5.80 -27.55 4.22
N ARG B 61 -5.08 -27.04 3.21
CA ARG B 61 -3.66 -26.74 3.41
C ARG B 61 -3.44 -25.62 4.43
N PHE B 62 -4.46 -24.85 4.78
CA PHE B 62 -4.34 -23.84 5.82
C PHE B 62 -4.70 -24.44 7.17
N SER B 63 -3.90 -24.13 8.19
CA SER B 63 -4.24 -24.57 9.54
C SER B 63 -3.74 -23.55 10.54
N GLY B 64 -4.41 -23.49 11.68
CA GLY B 64 -4.02 -22.58 12.74
C GLY B 64 -3.89 -23.35 14.03
N SER B 65 -3.00 -22.87 14.90
CA SER B 65 -2.81 -23.49 16.20
C SER B 65 -2.47 -22.42 17.25
N GLY B 66 -2.64 -22.80 18.51
CA GLY B 66 -2.24 -21.98 19.63
C GLY B 66 -3.40 -21.62 20.55
N SER B 67 -3.02 -21.14 21.72
CA SER B 67 -3.93 -20.57 22.70
C SER B 67 -3.10 -19.74 23.66
N GLY B 68 -3.76 -18.81 24.33
CA GLY B 68 -3.10 -17.97 25.30
C GLY B 68 -2.43 -16.78 24.67
N THR B 69 -1.11 -16.86 24.48
CA THR B 69 -0.40 -15.76 23.86
C THR B 69 0.29 -16.10 22.55
N GLU B 70 0.51 -17.37 22.23
CA GLU B 70 1.31 -17.74 21.07
C GLU B 70 0.47 -18.53 20.08
N PHE B 71 0.43 -18.05 18.83
CA PHE B 71 -0.41 -18.59 17.77
C PHE B 71 0.39 -18.75 16.49
N THR B 72 -0.02 -19.69 15.64
CA THR B 72 0.66 -19.98 14.40
C THR B 72 -0.35 -20.22 13.29
N LEU B 73 -0.05 -19.70 12.11
CA LEU B 73 -0.71 -20.04 10.86
C LEU B 73 0.28 -20.81 10.00
N THR B 74 -0.13 -21.95 9.50
CA THR B 74 0.71 -22.78 8.64
C THR B 74 -0.01 -23.02 7.33
N ILE B 75 0.72 -22.88 6.22
CA ILE B 75 0.27 -23.36 4.92
C ILE B 75 1.14 -24.57 4.58
N SER B 76 0.51 -25.74 4.42
CA SER B 76 1.29 -26.99 4.36
C SER B 76 2.04 -27.13 3.04
N SER B 77 1.43 -26.69 1.94
CA SER B 77 2.00 -26.85 0.59
C SER B 77 1.45 -25.71 -0.27
N LEU B 78 2.21 -24.63 -0.33
CA LEU B 78 1.71 -23.37 -0.89
C LEU B 78 1.38 -23.52 -2.38
N GLN B 79 0.29 -22.87 -2.79
CA GLN B 79 -0.14 -22.85 -4.18
C GLN B 79 -0.09 -21.41 -4.69
N ARG B 80 -0.17 -21.24 -6.01
CA ARG B 80 0.04 -19.91 -6.61
C ARG B 80 -0.96 -18.88 -6.10
N GLU B 81 -2.18 -19.30 -5.80
CA GLU B 81 -3.19 -18.34 -5.33
C GLU B 81 -2.95 -17.90 -3.90
N ASP B 82 -1.93 -18.42 -3.23
CA ASP B 82 -1.69 -18.08 -1.85
C ASP B 82 -0.70 -16.94 -1.66
N PHE B 83 -0.07 -16.45 -2.72
CA PHE B 83 0.77 -15.27 -2.61
C PHE B 83 -0.13 -14.09 -2.32
N ALA B 84 0.06 -13.48 -1.16
CA ALA B 84 -0.88 -12.54 -0.58
C ALA B 84 -0.28 -12.03 0.72
N THR B 85 -1.01 -11.15 1.41
CA THR B 85 -0.63 -10.70 2.74
C THR B 85 -1.61 -11.31 3.73
N TYR B 86 -1.08 -11.76 4.86
CA TYR B 86 -1.86 -12.43 5.89
C TYR B 86 -1.79 -11.60 7.15
N TYR B 87 -2.91 -11.56 7.89
CA TYR B 87 -3.00 -10.80 9.13
C TYR B 87 -3.63 -11.64 10.23
N CYS B 88 -3.05 -11.58 11.42
CA CYS B 88 -3.77 -12.05 12.61
C CYS B 88 -4.56 -10.91 13.23
N GLN B 89 -5.53 -11.30 14.08
CA GLN B 89 -6.37 -10.30 14.76
C GLN B 89 -6.87 -10.91 16.06
N GLN B 90 -6.64 -10.24 17.19
CA GLN B 90 -7.24 -10.67 18.44
C GLN B 90 -8.66 -10.15 18.54
N SER B 91 -9.55 -10.98 19.08
CA SER B 91 -10.95 -10.63 19.26
C SER B 91 -11.42 -10.93 20.67
N ASP B 92 -10.49 -10.81 21.62
CA ASP B 92 -10.75 -10.96 23.04
C ASP B 92 -11.20 -9.67 23.71
N SER B 93 -10.64 -8.52 23.32
CA SER B 93 -10.79 -7.28 24.05
C SER B 93 -11.10 -6.12 23.09
N ILE B 94 -12.06 -5.28 23.47
CA ILE B 94 -12.48 -4.14 22.66
C ILE B 94 -12.73 -2.96 23.58
N PRO B 95 -12.40 -1.72 23.15
CA PRO B 95 -11.64 -1.33 21.99
C PRO B 95 -10.18 -1.32 22.42
N ALA B 96 -9.23 -1.45 21.51
CA ALA B 96 -9.46 -1.68 20.10
C ALA B 96 -9.31 -3.16 19.80
N LEU B 97 -10.10 -3.71 18.90
CA LEU B 97 -9.71 -4.95 18.27
C LEU B 97 -8.46 -4.63 17.48
N THR B 98 -7.45 -5.51 17.59
CA THR B 98 -6.14 -5.22 17.03
C THR B 98 -5.65 -6.30 16.09
N PHE B 99 -5.01 -5.86 15.01
CA PHE B 99 -4.42 -6.70 14.00
C PHE B 99 -2.91 -6.73 14.17
N GLY B 100 -2.32 -7.86 13.81
CA GLY B 100 -0.89 -7.92 13.60
C GLY B 100 -0.50 -7.05 12.43
N GLY B 101 0.81 -6.84 12.29
CA GLY B 101 1.34 -5.96 11.25
C GLY B 101 1.30 -6.53 9.86
N GLY B 102 1.03 -7.81 9.71
CA GLY B 102 0.92 -8.44 8.41
C GLY B 102 2.17 -9.21 8.03
N THR B 103 1.97 -10.23 7.20
CA THR B 103 3.05 -11.00 6.56
C THR B 103 2.81 -11.01 5.07
N ARG B 104 3.70 -10.39 4.32
CA ARG B 104 3.64 -10.37 2.87
C ARG B 104 4.37 -11.60 2.34
N VAL B 105 3.67 -12.47 1.62
CA VAL B 105 4.25 -13.69 1.07
C VAL B 105 4.42 -13.45 -0.43
N ASP B 106 5.68 -13.40 -0.88
CA ASP B 106 6.02 -13.13 -2.28
C ASP B 106 6.72 -14.35 -2.87
N ILE B 107 7.03 -14.26 -4.17
CA ILE B 107 7.56 -15.39 -4.92
C ILE B 107 9.06 -15.44 -4.77
N LYS B 108 9.57 -16.61 -4.42
CA LYS B 108 11.01 -16.80 -4.28
C LYS B 108 11.69 -16.86 -5.64
N ARG B 109 12.87 -16.24 -5.70
CA ARG B 109 13.78 -16.33 -6.83
C ARG B 109 15.19 -16.12 -6.27
N THR B 110 16.20 -16.19 -7.14
CA THR B 110 17.57 -15.99 -6.70
C THR B 110 17.83 -14.51 -6.42
N VAL B 111 18.82 -14.27 -5.56
CA VAL B 111 19.21 -12.91 -5.25
C VAL B 111 19.63 -12.20 -6.53
N ALA B 112 19.27 -10.92 -6.63
CA ALA B 112 19.61 -10.10 -7.79
C ALA B 112 19.95 -8.71 -7.29
N ALA B 113 21.19 -8.29 -7.51
CA ALA B 113 21.58 -6.94 -7.19
C ALA B 113 20.91 -5.95 -8.14
N PRO B 114 20.63 -4.75 -7.67
CA PRO B 114 20.05 -3.73 -8.55
C PRO B 114 21.06 -3.22 -9.55
N SER B 115 20.56 -2.85 -10.72
CA SER B 115 21.27 -1.94 -11.62
C SER B 115 20.86 -0.53 -11.22
N VAL B 116 21.85 0.33 -11.00
CA VAL B 116 21.62 1.65 -10.40
C VAL B 116 21.92 2.73 -11.42
N PHE B 117 21.02 3.71 -11.52
CA PHE B 117 21.14 4.84 -12.44
C PHE B 117 20.80 6.13 -11.69
N ILE B 118 21.53 7.20 -11.97
CA ILE B 118 21.27 8.50 -11.37
C ILE B 118 20.97 9.50 -12.48
N PHE B 119 19.99 10.37 -12.22
CA PHE B 119 19.51 11.36 -13.19
C PHE B 119 19.60 12.75 -12.59
N PRO B 120 20.30 13.67 -13.23
CA PRO B 120 20.30 15.05 -12.77
C PRO B 120 18.96 15.72 -13.06
N PRO B 121 18.67 16.84 -12.40
CA PRO B 121 17.50 17.63 -12.78
C PRO B 121 17.65 18.20 -14.19
N SER B 122 16.51 18.37 -14.85
CA SER B 122 16.47 18.98 -16.17
C SER B 122 16.60 20.50 -16.05
N ASP B 123 17.15 21.12 -17.10
CA ASP B 123 17.19 22.57 -17.16
C ASP B 123 15.79 23.16 -17.14
N GLU B 124 14.82 22.45 -17.74
CA GLU B 124 13.46 22.95 -17.78
C GLU B 124 12.88 23.05 -16.38
N GLN B 125 13.13 22.05 -15.54
CA GLN B 125 12.65 22.12 -14.16
C GLN B 125 13.34 23.23 -13.38
N LEU B 126 14.65 23.38 -13.55
CA LEU B 126 15.40 24.36 -12.78
C LEU B 126 14.89 25.77 -13.01
N LYS B 127 14.31 26.04 -14.18
CA LYS B 127 13.77 27.37 -14.47
C LYS B 127 12.72 27.80 -13.45
N SER B 128 11.96 26.88 -12.88
CA SER B 128 10.95 27.28 -11.90
C SER B 128 11.39 27.08 -10.46
N GLY B 129 12.67 26.80 -10.22
CA GLY B 129 13.25 27.04 -8.91
C GLY B 129 13.51 25.84 -8.03
N THR B 130 13.12 24.65 -8.45
CA THR B 130 13.33 23.42 -7.71
C THR B 130 14.14 22.44 -8.55
N ALA B 131 14.94 21.62 -7.87
CA ALA B 131 15.72 20.56 -8.49
C ALA B 131 15.33 19.20 -7.91
N SER B 132 14.95 18.27 -8.78
CA SER B 132 14.70 16.87 -8.41
C SER B 132 15.83 16.02 -8.96
N VAL B 133 16.54 15.30 -8.09
CA VAL B 133 17.56 14.36 -8.51
C VAL B 133 17.02 12.96 -8.27
N VAL B 134 17.11 12.07 -9.27
CA VAL B 134 16.41 10.79 -9.19
C VAL B 134 17.41 9.65 -9.24
N CYS B 135 17.23 8.66 -8.38
CA CYS B 135 18.05 7.46 -8.35
C CYS B 135 17.14 6.26 -8.58
N LEU B 136 17.45 5.46 -9.60
CA LEU B 136 16.69 4.26 -9.96
C LEU B 136 17.48 3.02 -9.60
N LEU B 137 16.84 2.10 -8.88
CA LEU B 137 17.37 0.79 -8.56
C LEU B 137 16.49 -0.19 -9.34
N ASN B 138 17.04 -0.82 -10.36
CA ASN B 138 16.24 -1.59 -11.31
C ASN B 138 16.43 -3.09 -11.13
N ASN B 139 15.31 -3.81 -11.02
CA ASN B 139 15.23 -5.26 -11.14
C ASN B 139 16.12 -5.99 -10.11
N PHE B 140 15.81 -5.80 -8.85
CA PHE B 140 16.54 -6.43 -7.76
C PHE B 140 15.61 -7.36 -6.96
N TYR B 141 16.25 -8.22 -6.15
CA TYR B 141 15.52 -9.12 -5.29
C TYR B 141 16.47 -9.56 -4.17
N PRO B 142 16.01 -9.59 -2.92
CA PRO B 142 14.66 -9.31 -2.44
C PRO B 142 14.38 -7.80 -2.30
N ARG B 143 13.20 -7.49 -1.78
CA ARG B 143 12.70 -6.11 -1.81
C ARG B 143 13.51 -5.18 -0.89
N GLU B 144 14.04 -5.66 0.23
CA GLU B 144 14.79 -4.80 1.15
C GLU B 144 15.94 -4.11 0.44
N ALA B 145 15.98 -2.79 0.57
CA ALA B 145 17.04 -1.97 -0.03
C ALA B 145 17.14 -0.64 0.69
N VAL B 146 18.32 -0.08 0.69
CA VAL B 146 18.54 1.23 1.29
C VAL B 146 19.26 2.18 0.31
N VAL B 147 18.75 3.39 0.19
CA VAL B 147 19.36 4.44 -0.57
C VAL B 147 19.84 5.56 0.35
N GLN B 148 21.07 5.98 0.18
CA GLN B 148 21.58 7.14 0.91
C GLN B 148 22.05 8.17 -0.10
N TRP B 149 21.57 9.40 0.03
CA TRP B 149 21.96 10.50 -0.82
C TRP B 149 23.08 11.32 -0.17
N LYS B 150 24.06 11.72 -0.97
CA LYS B 150 25.16 12.59 -0.55
C LYS B 150 25.32 13.71 -1.55
N VAL B 151 25.57 14.92 -1.04
CA VAL B 151 25.82 16.10 -1.83
C VAL B 151 27.14 16.68 -1.32
N ASP B 152 28.17 16.68 -2.17
CA ASP B 152 29.53 17.02 -1.74
C ASP B 152 29.92 16.28 -0.46
N ASN B 153 29.59 15.00 -0.42
CA ASN B 153 29.89 14.08 0.68
C ASN B 153 29.11 14.38 1.96
N ALA B 154 28.13 15.27 1.92
CA ALA B 154 27.25 15.49 3.07
C ALA B 154 26.05 14.58 2.92
N LEU B 155 25.82 13.75 3.94
CA LEU B 155 24.66 12.89 3.99
C LEU B 155 23.40 13.72 4.07
N GLN B 156 22.43 13.41 3.21
CA GLN B 156 21.16 14.12 3.17
C GLN B 156 20.11 13.30 3.90
N SER B 157 19.35 13.96 4.76
CA SER B 157 18.33 13.28 5.54
C SER B 157 17.11 14.19 5.58
N GLY B 158 15.93 13.63 5.31
CA GLY B 158 14.69 14.35 5.44
C GLY B 158 14.19 15.00 4.16
N ASN B 159 14.97 14.95 3.09
CA ASN B 159 14.65 15.65 1.86
C ASN B 159 14.57 14.72 0.65
N SER B 160 14.24 13.46 0.89
CA SER B 160 14.04 12.48 -0.17
C SER B 160 12.76 11.68 0.09
N GLN B 161 12.20 11.12 -1.00
CA GLN B 161 11.09 10.20 -0.91
C GLN B 161 11.32 9.09 -1.91
N GLU B 162 10.75 7.92 -1.66
CA GLU B 162 10.94 6.80 -2.56
C GLU B 162 9.66 5.99 -2.68
N SER B 163 9.61 5.19 -3.74
CA SER B 163 8.55 4.17 -3.86
C SER B 163 9.07 2.99 -4.66
N VAL B 164 8.36 1.87 -4.49
CA VAL B 164 8.80 0.57 -4.98
C VAL B 164 7.66 -0.06 -5.77
N THR B 165 8.00 -0.72 -6.87
CA THR B 165 7.01 -1.41 -7.68
C THR B 165 6.58 -2.70 -6.99
N GLU B 166 5.44 -3.23 -7.45
CA GLU B 166 5.05 -4.58 -7.10
C GLU B 166 5.98 -5.59 -7.77
N GLN B 167 6.01 -6.79 -7.20
CA GLN B 167 6.87 -7.84 -7.74
C GLN B 167 6.50 -8.11 -9.20
N ASP B 168 7.53 -8.15 -10.06
CA ASP B 168 7.29 -8.30 -11.48
C ASP B 168 6.75 -9.69 -11.79
N SER B 169 5.72 -9.73 -12.65
CA SER B 169 5.07 -10.99 -12.97
C SER B 169 5.95 -11.91 -13.82
N LYS B 170 6.92 -11.36 -14.56
CA LYS B 170 7.78 -12.17 -15.42
C LYS B 170 9.04 -12.63 -14.70
N ASP B 171 9.78 -11.72 -14.06
CA ASP B 171 11.08 -12.06 -13.48
C ASP B 171 11.14 -11.99 -11.96
N SER B 172 10.03 -11.69 -11.29
CA SER B 172 9.92 -11.73 -9.83
C SER B 172 10.81 -10.73 -9.10
N THR B 173 11.24 -9.67 -9.78
CA THR B 173 12.07 -8.63 -9.17
C THR B 173 11.23 -7.42 -8.79
N TYR B 174 11.90 -6.50 -8.10
CA TYR B 174 11.38 -5.22 -7.68
C TYR B 174 12.25 -4.12 -8.29
N SER B 175 11.68 -2.91 -8.37
CA SER B 175 12.43 -1.71 -8.75
C SER B 175 12.05 -0.59 -7.80
N LEU B 176 12.95 0.36 -7.62
CA LEU B 176 12.76 1.43 -6.64
C LEU B 176 13.22 2.73 -7.26
N SER B 177 12.45 3.80 -7.03
CA SER B 177 12.79 5.14 -7.46
C SER B 177 12.87 6.02 -6.24
N SER B 178 13.96 6.78 -6.09
CA SER B 178 14.11 7.73 -5.01
C SER B 178 14.39 9.11 -5.57
N THR B 179 13.72 10.11 -5.02
CA THR B 179 13.91 11.49 -5.46
C THR B 179 14.43 12.33 -4.30
N LEU B 180 15.55 13.00 -4.54
CA LEU B 180 16.09 14.02 -3.65
C LEU B 180 15.62 15.37 -4.19
N THR B 181 14.98 16.18 -3.34
CA THR B 181 14.48 17.48 -3.76
C THR B 181 15.24 18.58 -3.04
N LEU B 182 15.76 19.53 -3.79
CA LEU B 182 16.38 20.70 -3.21
C LEU B 182 16.03 21.92 -4.05
N SER B 183 16.27 23.11 -3.53
CA SER B 183 16.04 24.30 -4.34
C SER B 183 17.11 24.39 -5.43
N LYS B 184 16.77 25.05 -6.54
CA LYS B 184 17.79 25.34 -7.54
C LYS B 184 18.94 26.09 -6.91
N ALA B 185 18.65 27.04 -6.04
CA ALA B 185 19.71 27.82 -5.42
C ALA B 185 20.69 26.94 -4.67
N ASP B 186 20.19 25.95 -3.92
CA ASP B 186 21.09 25.02 -3.24
C ASP B 186 21.78 24.09 -4.22
N TYR B 187 21.06 23.62 -5.24
CA TYR B 187 21.65 22.71 -6.21
C TYR B 187 22.90 23.31 -6.85
N GLU B 188 22.84 24.58 -7.19
CA GLU B 188 23.93 25.24 -7.90
C GLU B 188 25.10 25.58 -6.99
N LYS B 189 24.98 25.34 -5.68
CA LYS B 189 26.07 25.60 -4.75
C LYS B 189 26.94 24.38 -4.50
N HIS B 190 26.59 23.23 -5.08
CA HIS B 190 27.29 21.98 -4.83
C HIS B 190 27.62 21.29 -6.15
N LYS B 191 28.61 20.40 -6.09
CA LYS B 191 29.16 19.76 -7.29
C LYS B 191 28.78 18.30 -7.42
N VAL B 192 29.09 17.47 -6.42
CA VAL B 192 29.00 16.02 -6.57
C VAL B 192 27.69 15.54 -5.94
N TYR B 193 26.87 14.90 -6.76
CA TYR B 193 25.58 14.34 -6.35
C TYR B 193 25.68 12.84 -6.47
N ALA B 194 25.40 12.13 -5.38
CA ALA B 194 25.63 10.70 -5.32
C ALA B 194 24.49 9.98 -4.62
N CYS B 195 24.17 8.81 -5.14
CA CYS B 195 23.21 7.87 -4.57
C CYS B 195 24.00 6.62 -4.22
N GLU B 196 23.99 6.23 -2.95
CA GLU B 196 24.66 5.03 -2.47
C GLU B 196 23.64 3.98 -2.11
N VAL B 197 23.76 2.79 -2.70
CA VAL B 197 22.77 1.72 -2.57
C VAL B 197 23.35 0.57 -1.77
N THR B 198 22.62 0.14 -0.74
CA THR B 198 22.91 -1.06 0.03
C THR B 198 21.82 -2.08 -0.25
N HIS B 199 22.23 -3.29 -0.62
CA HIS B 199 21.32 -4.36 -0.99
C HIS B 199 22.01 -5.70 -0.81
N GLN B 200 21.23 -6.72 -0.45
CA GLN B 200 21.77 -8.04 -0.13
C GLN B 200 22.63 -8.62 -1.25
N GLY B 201 22.37 -8.26 -2.50
CA GLY B 201 23.11 -8.79 -3.62
C GLY B 201 24.48 -8.19 -3.81
N LEU B 202 24.85 -7.24 -2.97
CA LEU B 202 26.14 -6.55 -3.02
C LEU B 202 26.86 -6.69 -1.69
N SER B 203 28.13 -7.10 -1.73
CA SER B 203 28.88 -7.26 -0.49
C SER B 203 29.43 -5.94 0.04
N SER B 204 29.33 -4.87 -0.74
CA SER B 204 29.59 -3.52 -0.27
C SER B 204 28.63 -2.61 -1.01
N PRO B 205 28.40 -1.40 -0.50
CA PRO B 205 27.46 -0.50 -1.17
C PRO B 205 28.00 -0.04 -2.52
N VAL B 206 27.07 0.21 -3.46
CA VAL B 206 27.42 0.74 -4.77
C VAL B 206 26.97 2.19 -4.85
N THR B 207 27.82 3.04 -5.41
CA THR B 207 27.54 4.47 -5.55
C THR B 207 27.50 4.84 -7.03
N LYS B 208 26.46 5.56 -7.44
CA LYS B 208 26.42 6.24 -8.72
C LYS B 208 26.36 7.74 -8.47
N SER B 209 27.10 8.50 -9.26
CA SER B 209 27.23 9.93 -9.03
C SER B 209 27.36 10.68 -10.35
N PHE B 210 27.08 11.98 -10.26
CA PHE B 210 27.43 12.90 -11.34
C PHE B 210 27.94 14.19 -10.73
N ASN B 211 28.66 14.96 -11.54
CA ASN B 211 29.10 16.30 -11.18
C ASN B 211 28.24 17.30 -11.93
N ARG B 212 27.66 18.25 -11.20
CA ARG B 212 26.74 19.22 -11.82
C ARG B 212 27.43 19.95 -12.96
#